data_7OPV
#
_entry.id   7OPV
#
_cell.length_a   46.961
_cell.length_b   47.152
_cell.length_c   70.876
_cell.angle_alpha   72.180
_cell.angle_beta   76.400
_cell.angle_gamma   60.180
#
_symmetry.space_group_name_H-M   'P 1'
#
loop_
_entity.id
_entity.type
_entity.pdbx_description
1 polymer SAKe6BE-3HH
2 water water
#
_entity_poly.entity_id   1
_entity_poly.type   'polypeptide(L)'
_entity_poly.pdbx_seq_one_letter_code
;GSHMNGLIYAVGGYDGNTHLNSVEAYDPERNEWSLVAPLSTRRSGVGVAVLNGLIYAVGGYDGNTHLNSVEAYDPHHNEW
SLVAPLSTRRSGVGVAVLNGLIYAVGGYDGNTHLNSVEAYDPERNEWSLVAPLSTRRSGVGVAVLNGLIYAVGGYDGNTH
LNSVEAYDPHHNEWSLVAPLSTRRSGVGVAVLNGLIYAVGGYDGNTHLNSVEAYDPERNEWSLVAPLSTRRSGVGVAVLN
GLIYAVGGYDGNTHLNSVEAYDPHHNEWSLVAPLSTRRSGVGVAVL
;
_entity_poly.pdbx_strand_id   A,B
#
# COMPACT_ATOMS: atom_id res chain seq x y z
N GLY A 6 -4.04 -9.42 4.80
CA GLY A 6 -5.22 -9.72 3.99
C GLY A 6 -6.51 -9.80 4.80
N LEU A 7 -6.50 -9.26 6.02
CA LEU A 7 -7.64 -9.24 6.90
C LEU A 7 -8.09 -7.80 7.15
N ILE A 8 -9.39 -7.63 7.39
CA ILE A 8 -9.94 -6.34 7.78
C ILE A 8 -10.18 -6.37 9.28
N TYR A 9 -9.61 -5.43 10.00
CA TYR A 9 -9.82 -5.35 11.44
C TYR A 9 -10.80 -4.24 11.74
N ALA A 10 -11.81 -4.56 12.54
CA ALA A 10 -12.79 -3.60 13.04
C ALA A 10 -12.51 -3.40 14.51
N VAL A 11 -12.15 -2.16 14.88
CA VAL A 11 -11.61 -1.85 16.20
C VAL A 11 -12.59 -0.96 16.92
N GLY A 12 -13.10 -1.46 18.05
CA GLY A 12 -13.86 -0.62 18.94
C GLY A 12 -15.21 -0.24 18.35
N GLY A 13 -15.68 0.93 18.74
CA GLY A 13 -16.96 1.43 18.31
C GLY A 13 -17.96 1.49 19.46
N TYR A 14 -19.22 1.67 19.08
CA TYR A 14 -20.36 1.83 19.98
C TYR A 14 -21.46 0.91 19.49
N ASP A 15 -22.00 0.07 20.38
CA ASP A 15 -23.03 -0.88 19.93
C ASP A 15 -24.45 -0.38 20.19
N GLY A 16 -24.61 0.89 20.57
CA GLY A 16 -25.90 1.45 20.93
C GLY A 16 -26.11 1.59 22.42
N ASN A 17 -25.34 0.86 23.23
CA ASN A 17 -25.47 0.91 24.68
C ASN A 17 -24.11 1.09 25.33
N THR A 18 -23.07 0.55 24.70
CA THR A 18 -21.77 0.38 25.31
C THR A 18 -20.69 0.78 24.32
N HIS A 19 -19.71 1.56 24.79
CA HIS A 19 -18.50 1.80 24.00
C HIS A 19 -17.58 0.58 24.15
N LEU A 20 -17.04 0.11 23.03
CA LEU A 20 -16.47 -1.22 22.94
C LEU A 20 -14.95 -1.22 23.06
N ASN A 21 -14.43 -2.23 23.75
CA ASN A 21 -13.01 -2.54 23.64
C ASN A 21 -12.76 -3.72 22.72
N SER A 22 -13.81 -4.36 22.21
CA SER A 22 -13.63 -5.57 21.40
C SER A 22 -13.16 -5.23 19.99
N VAL A 23 -12.53 -6.23 19.37
CA VAL A 23 -11.91 -6.12 18.04
C VAL A 23 -12.19 -7.42 17.32
N GLU A 24 -12.56 -7.34 16.04
CA GLU A 24 -12.73 -8.54 15.25
C GLU A 24 -12.13 -8.36 13.87
N ALA A 25 -11.82 -9.48 13.23
CA ALA A 25 -11.09 -9.52 11.98
C ALA A 25 -11.87 -10.31 10.94
N TYR A 26 -11.89 -9.79 9.71
CA TYR A 26 -12.66 -10.34 8.61
C TYR A 26 -11.73 -11.03 7.62
N ASP A 27 -12.04 -12.27 7.30
CA ASP A 27 -11.30 -13.03 6.30
C ASP A 27 -12.14 -13.14 5.04
N PRO A 28 -11.79 -12.42 3.97
CA PRO A 28 -12.63 -12.46 2.76
C PRO A 28 -12.68 -13.82 2.13
N GLU A 29 -11.71 -14.69 2.39
CA GLU A 29 -11.72 -16.02 1.79
C GLU A 29 -12.75 -16.92 2.46
N ARG A 30 -12.95 -16.77 3.77
CA ARG A 30 -14.01 -17.48 4.46
C ARG A 30 -15.29 -16.67 4.59
N ASN A 31 -15.26 -15.38 4.26
CA ASN A 31 -16.38 -14.45 4.46
C ASN A 31 -16.93 -14.58 5.88
N GLU A 32 -16.04 -14.34 6.85
CA GLU A 32 -16.33 -14.58 8.24
C GLU A 32 -15.53 -13.63 9.11
N TRP A 33 -16.16 -13.16 10.19
CA TRP A 33 -15.52 -12.33 11.20
C TRP A 33 -15.18 -13.20 12.40
N SER A 34 -14.04 -12.94 13.05
N SER A 34 -14.03 -12.93 13.03
CA SER A 34 -13.71 -13.61 14.29
CA SER A 34 -13.60 -13.61 14.26
C SER A 34 -13.04 -12.64 15.24
C SER A 34 -13.06 -12.58 15.24
N LEU A 35 -13.39 -12.74 16.51
CA LEU A 35 -12.87 -11.80 17.51
C LEU A 35 -11.37 -12.03 17.70
N VAL A 36 -10.65 -10.94 17.95
CA VAL A 36 -9.25 -11.07 18.33
C VAL A 36 -9.08 -10.41 19.70
N ALA A 37 -7.84 -10.13 20.11
CA ALA A 37 -7.63 -9.60 21.45
C ALA A 37 -8.24 -8.20 21.56
N PRO A 38 -8.90 -7.88 22.68
CA PRO A 38 -9.53 -6.56 22.82
C PRO A 38 -8.52 -5.49 23.19
N LEU A 39 -8.88 -4.25 22.87
CA LEU A 39 -8.14 -3.08 23.34
C LEU A 39 -8.06 -3.07 24.85
N SER A 40 -7.03 -2.39 25.37
CA SER A 40 -6.96 -2.19 26.82
C SER A 40 -8.03 -1.22 27.31
N THR A 41 -8.49 -0.31 26.45
CA THR A 41 -9.47 0.70 26.84
C THR A 41 -10.57 0.77 25.79
N ARG A 42 -11.81 0.96 26.24
CA ARG A 42 -12.93 1.15 25.32
C ARG A 42 -12.69 2.38 24.47
N ARG A 43 -13.01 2.28 23.17
CA ARG A 43 -12.76 3.38 22.22
C ARG A 43 -13.82 3.39 21.13
N SER A 44 -14.71 4.37 21.16
CA SER A 44 -15.50 4.71 19.98
C SER A 44 -15.00 6.03 19.41
N GLY A 45 -15.32 6.27 18.14
CA GLY A 45 -14.75 7.43 17.47
C GLY A 45 -13.24 7.36 17.40
N VAL A 46 -12.71 6.16 17.19
CA VAL A 46 -11.27 5.91 17.25
C VAL A 46 -10.71 5.95 15.84
N GLY A 47 -9.47 6.42 15.70
CA GLY A 47 -8.78 6.40 14.42
C GLY A 47 -7.81 5.23 14.40
N VAL A 48 -7.76 4.55 13.27
CA VAL A 48 -6.98 3.32 13.16
C VAL A 48 -6.10 3.41 11.92
N ALA A 49 -4.86 2.93 12.03
CA ALA A 49 -3.96 2.89 10.89
C ALA A 49 -2.94 1.76 11.08
N VAL A 50 -2.41 1.28 9.97
CA VAL A 50 -1.47 0.18 9.93
C VAL A 50 -0.10 0.72 9.56
N LEU A 51 0.92 0.38 10.35
CA LEU A 51 2.30 0.77 10.10
C LEU A 51 3.23 -0.32 10.62
N ASN A 52 4.15 -0.79 9.76
CA ASN A 52 5.20 -1.74 10.15
C ASN A 52 4.60 -3.04 10.69
N GLY A 53 3.50 -3.50 10.10
CA GLY A 53 2.87 -4.73 10.54
C GLY A 53 2.07 -4.64 11.83
N LEU A 54 1.84 -3.42 12.35
CA LEU A 54 1.08 -3.21 13.57
C LEU A 54 -0.13 -2.33 13.29
N ILE A 55 -1.20 -2.57 14.05
CA ILE A 55 -2.38 -1.73 13.97
C ILE A 55 -2.35 -0.74 15.12
N TYR A 56 -2.45 0.54 14.82
CA TYR A 56 -2.50 1.56 15.85
C TYR A 56 -3.94 2.05 16.03
N ALA A 57 -4.38 2.10 17.28
CA ALA A 57 -5.68 2.65 17.65
C ALA A 57 -5.43 3.96 18.38
N VAL A 58 -5.92 5.06 17.83
CA VAL A 58 -5.51 6.40 18.24
C VAL A 58 -6.73 7.11 18.82
N GLY A 59 -6.63 7.51 20.08
CA GLY A 59 -7.66 8.37 20.64
C GLY A 59 -8.98 7.65 20.77
N GLY A 60 -10.06 8.41 20.59
CA GLY A 60 -11.41 7.91 20.77
C GLY A 60 -12.04 8.36 22.08
N TYR A 61 -13.10 7.65 22.45
CA TYR A 61 -13.92 8.02 23.59
C TYR A 61 -14.32 6.74 24.31
N ASP A 62 -14.07 6.68 25.63
CA ASP A 62 -14.29 5.46 26.38
C ASP A 62 -15.64 5.41 27.07
N GLY A 63 -16.60 6.26 26.67
CA GLY A 63 -17.86 6.40 27.35
C GLY A 63 -17.86 7.44 28.45
N ASN A 64 -16.69 7.96 28.81
CA ASN A 64 -16.56 8.94 29.88
C ASN A 64 -15.68 10.08 29.42
N THR A 65 -14.49 9.74 28.98
CA THR A 65 -13.45 10.70 28.68
C THR A 65 -13.05 10.57 27.23
N HIS A 66 -12.80 11.71 26.58
CA HIS A 66 -12.12 11.70 25.30
C HIS A 66 -10.65 11.44 25.53
N LEU A 67 -10.06 10.58 24.70
CA LEU A 67 -8.80 9.91 25.03
C LEU A 67 -7.63 10.52 24.28
N ASN A 68 -6.51 10.69 24.99
CA ASN A 68 -5.24 10.92 24.30
C ASN A 68 -4.42 9.65 24.13
N SER A 69 -4.82 8.53 24.74
CA SER A 69 -3.99 7.33 24.71
C SER A 69 -4.01 6.69 23.34
N VAL A 70 -2.92 5.97 23.04
CA VAL A 70 -2.72 5.23 21.80
C VAL A 70 -2.22 3.83 22.15
N GLU A 71 -2.74 2.81 21.47
CA GLU A 71 -2.21 1.46 21.65
C GLU A 71 -2.02 0.78 20.30
N ALA A 72 -1.13 -0.21 20.27
CA ALA A 72 -0.75 -0.87 19.03
C ALA A 72 -0.92 -2.38 19.12
N TYR A 73 -1.43 -2.98 18.05
CA TYR A 73 -1.74 -4.40 18.00
C TYR A 73 -0.70 -5.16 17.19
N ASP A 74 -0.17 -6.22 17.77
CA ASP A 74 0.78 -7.08 17.09
C ASP A 74 0.06 -8.39 16.76
N PRO A 75 -0.25 -8.66 15.50
CA PRO A 75 -0.99 -9.89 15.19
C PRO A 75 -0.24 -11.16 15.50
N HIS A 76 1.10 -11.12 15.57
CA HIS A 76 1.85 -12.33 15.89
C HIS A 76 1.75 -12.69 17.37
N HIS A 77 1.68 -11.69 18.24
CA HIS A 77 1.43 -11.92 19.67
C HIS A 77 -0.05 -11.90 20.03
N ASN A 78 -0.92 -11.41 19.12
CA ASN A 78 -2.33 -11.18 19.41
C ASN A 78 -2.47 -10.40 20.72
N GLU A 79 -1.82 -9.24 20.77
CA GLU A 79 -1.87 -8.43 21.99
C GLU A 79 -1.70 -6.96 21.64
N TRP A 80 -2.38 -6.12 22.43
CA TRP A 80 -2.30 -4.67 22.34
C TRP A 80 -1.33 -4.17 23.40
N SER A 81 -0.50 -3.19 23.04
CA SER A 81 0.37 -2.51 23.99
C SER A 81 0.23 -1.00 23.84
N LEU A 82 0.32 -0.29 24.95
CA LEU A 82 0.22 1.17 24.85
C LEU A 82 1.52 1.72 24.27
N VAL A 83 1.40 2.79 23.50
CA VAL A 83 2.55 3.54 23.00
C VAL A 83 2.38 4.98 23.47
N ALA A 84 3.21 5.89 22.95
CA ALA A 84 3.19 7.25 23.47
C ALA A 84 1.84 7.91 23.18
N PRO A 85 1.28 8.66 24.12
CA PRO A 85 -0.04 9.27 23.91
C PRO A 85 0.05 10.56 23.09
N LEU A 86 -1.10 10.92 22.50
CA LEU A 86 -1.24 12.19 21.81
C LEU A 86 -0.96 13.36 22.77
N SER A 87 -0.65 14.52 22.18
CA SER A 87 -0.58 15.73 22.98
C SER A 87 -1.96 16.26 23.36
N THR A 88 -2.99 15.91 22.60
CA THR A 88 -4.35 16.38 22.82
C THR A 88 -5.30 15.19 22.79
N ARG A 89 -6.28 15.20 23.68
CA ARG A 89 -7.35 14.21 23.59
C ARG A 89 -8.08 14.39 22.26
N ARG A 90 -8.38 13.28 21.59
CA ARG A 90 -8.95 13.33 20.24
C ARG A 90 -9.92 12.16 20.08
N SER A 91 -11.22 12.45 20.04
CA SER A 91 -12.19 11.52 19.50
C SER A 91 -12.72 12.07 18.19
N GLY A 92 -13.32 11.20 17.38
CA GLY A 92 -13.73 11.61 16.05
C GLY A 92 -12.56 12.08 15.21
N VAL A 93 -11.40 11.45 15.41
CA VAL A 93 -10.14 11.87 14.80
C VAL A 93 -9.89 11.06 13.54
N GLY A 94 -9.33 11.68 12.52
CA GLY A 94 -8.92 10.97 11.31
C GLY A 94 -7.45 10.64 11.38
N VAL A 95 -7.10 9.43 10.94
CA VAL A 95 -5.73 8.93 11.08
C VAL A 95 -5.30 8.34 9.75
N ALA A 96 -4.09 8.68 9.31
CA ALA A 96 -3.52 8.09 8.11
C ALA A 96 -2.02 7.96 8.28
N VAL A 97 -1.43 7.06 7.49
CA VAL A 97 -0.02 6.73 7.54
C VAL A 97 0.63 7.25 6.27
N LEU A 98 1.72 7.99 6.40
CA LEU A 98 2.47 8.53 5.27
C LEU A 98 3.93 8.65 5.63
N ASN A 99 4.81 8.05 4.80
CA ASN A 99 6.26 8.17 4.96
C ASN A 99 6.73 7.66 6.32
N GLY A 100 6.11 6.58 6.82
CA GLY A 100 6.54 6.00 8.08
C GLY A 100 6.02 6.68 9.32
N LEU A 101 5.14 7.69 9.17
CA LEU A 101 4.58 8.42 10.29
C LEU A 101 3.08 8.22 10.31
N ILE A 102 2.50 8.26 11.50
CA ILE A 102 1.04 8.26 11.65
C ILE A 102 0.58 9.68 11.92
N TYR A 103 -0.35 10.17 11.12
CA TYR A 103 -0.91 11.49 11.34
C TYR A 103 -2.27 11.36 12.02
N ALA A 104 -2.48 12.14 13.08
CA ALA A 104 -3.77 12.27 13.75
C ALA A 104 -4.32 13.64 13.41
N VAL A 105 -5.45 13.67 12.71
CA VAL A 105 -5.99 14.90 12.13
C VAL A 105 -7.27 15.27 12.86
N GLY A 106 -7.27 16.45 13.50
CA GLY A 106 -8.51 16.99 14.02
C GLY A 106 -9.08 16.13 15.14
N GLY A 107 -10.41 16.13 15.24
CA GLY A 107 -11.09 15.45 16.31
C GLY A 107 -11.74 16.40 17.30
N TYR A 108 -12.07 15.84 18.46
CA TYR A 108 -12.81 16.57 19.49
C TYR A 108 -12.20 16.22 20.84
N ASP A 109 -11.83 17.22 21.63
CA ASP A 109 -11.12 16.95 22.88
C ASP A 109 -12.03 16.92 24.10
N GLY A 110 -13.35 17.05 23.91
CA GLY A 110 -14.31 17.10 25.00
C GLY A 110 -14.98 18.44 25.17
N ASN A 111 -14.34 19.52 24.73
CA ASN A 111 -14.95 20.84 24.76
C ASN A 111 -14.78 21.56 23.42
N THR A 112 -13.73 21.22 22.68
CA THR A 112 -13.38 21.97 21.47
C THR A 112 -13.19 21.02 20.30
N HIS A 113 -13.73 21.40 19.14
CA HIS A 113 -13.44 20.71 17.89
C HIS A 113 -12.11 21.22 17.35
N LEU A 114 -11.21 20.30 16.97
CA LEU A 114 -9.81 20.64 16.77
C LEU A 114 -9.46 20.89 15.31
N ASN A 115 -8.60 21.89 15.08
CA ASN A 115 -7.91 22.01 13.81
C ASN A 115 -6.46 21.52 13.89
N SER A 116 -6.01 21.09 15.07
CA SER A 116 -4.61 20.70 15.21
C SER A 116 -4.37 19.31 14.63
N VAL A 117 -3.11 19.05 14.30
CA VAL A 117 -2.67 17.80 13.69
C VAL A 117 -1.34 17.41 14.32
N GLU A 118 -1.18 16.13 14.65
CA GLU A 118 0.05 15.62 15.22
C GLU A 118 0.52 14.40 14.42
N ALA A 119 1.82 14.16 14.42
CA ALA A 119 2.41 13.04 13.70
C ALA A 119 3.25 12.20 14.64
N TYR A 120 3.15 10.89 14.49
CA TYR A 120 3.82 9.92 15.36
C TYR A 120 4.98 9.26 14.64
N ASP A 121 6.15 9.29 15.27
CA ASP A 121 7.33 8.62 14.74
C ASP A 121 7.59 7.38 15.56
N PRO A 122 7.37 6.18 15.03
CA PRO A 122 7.59 4.98 15.84
C PRO A 122 9.04 4.74 16.21
N GLU A 123 9.99 5.35 15.49
CA GLU A 123 11.40 5.21 15.83
C GLU A 123 11.71 5.93 17.14
N ARG A 124 11.13 7.10 17.35
CA ARG A 124 11.31 7.85 18.59
C ARG A 124 10.19 7.59 19.61
N ASN A 125 9.09 6.97 19.18
CA ASN A 125 7.90 6.77 20.00
C ASN A 125 7.46 8.11 20.59
N GLU A 126 7.18 9.07 19.71
CA GLU A 126 6.73 10.38 20.17
C GLU A 126 5.84 11.00 19.11
N TRP A 127 4.95 11.88 19.57
CA TRP A 127 4.09 12.71 18.73
C TRP A 127 4.63 14.13 18.68
N SER A 128 4.57 14.76 17.51
CA SER A 128 4.85 16.18 17.42
C SER A 128 3.79 16.87 16.58
N LEU A 129 3.52 18.14 16.89
CA LEU A 129 2.53 18.89 16.14
C LEU A 129 3.06 19.21 14.75
N VAL A 130 2.16 19.20 13.76
CA VAL A 130 2.50 19.71 12.44
C VAL A 130 1.51 20.83 12.14
N ALA A 131 1.47 21.28 10.90
CA ALA A 131 0.65 22.44 10.56
C ALA A 131 -0.82 22.13 10.83
N PRO A 132 -1.59 23.08 11.35
CA PRO A 132 -3.01 22.82 11.61
C PRO A 132 -3.86 22.92 10.35
N LEU A 133 -4.98 22.19 10.38
CA LEU A 133 -6.02 22.37 9.37
C LEU A 133 -6.47 23.83 9.30
N SER A 134 -6.95 24.24 8.13
CA SER A 134 -7.51 25.58 8.03
C SER A 134 -8.87 25.67 8.70
N THR A 135 -9.52 24.53 8.92
CA THR A 135 -10.86 24.44 9.47
C THR A 135 -10.86 23.40 10.60
N ARG A 136 -11.50 23.72 11.71
CA ARG A 136 -11.72 22.70 12.74
C ARG A 136 -12.55 21.55 12.18
N ARG A 137 -12.14 20.31 12.49
CA ARG A 137 -12.78 19.13 11.89
C ARG A 137 -12.80 17.97 12.87
N SER A 138 -13.96 17.65 13.43
CA SER A 138 -14.17 16.36 14.06
C SER A 138 -15.10 15.53 13.19
N GLY A 139 -15.08 14.21 13.41
CA GLY A 139 -15.81 13.31 12.52
C GLY A 139 -15.33 13.37 11.10
N VAL A 140 -14.01 13.58 10.92
CA VAL A 140 -13.41 13.88 9.62
C VAL A 140 -12.87 12.57 9.04
N GLY A 141 -12.99 12.40 7.73
CA GLY A 141 -12.39 11.26 7.04
C GLY A 141 -11.04 11.68 6.48
N VAL A 142 -10.06 10.77 6.57
CA VAL A 142 -8.69 11.08 6.16
C VAL A 142 -8.16 9.92 5.35
N ALA A 143 -7.51 10.22 4.22
CA ALA A 143 -6.82 9.20 3.43
C ALA A 143 -5.61 9.82 2.76
N VAL A 144 -4.69 8.97 2.32
CA VAL A 144 -3.44 9.43 1.71
C VAL A 144 -3.44 9.00 0.25
N LEU A 145 -3.08 9.92 -0.64
CA LEU A 145 -3.04 9.67 -2.08
C LEU A 145 -1.92 10.50 -2.68
N ASN A 146 -1.01 9.85 -3.41
CA ASN A 146 0.10 10.53 -4.10
C ASN A 146 0.94 11.39 -3.15
N GLY A 147 1.18 10.89 -1.95
CA GLY A 147 2.02 11.62 -1.00
C GLY A 147 1.35 12.80 -0.34
N LEU A 148 0.03 12.94 -0.49
CA LEU A 148 -0.72 13.97 0.21
C LEU A 148 -1.73 13.31 1.14
N ILE A 149 -2.03 13.99 2.25
CA ILE A 149 -3.05 13.56 3.17
C ILE A 149 -4.28 14.43 2.92
N TYR A 150 -5.43 13.81 2.69
CA TYR A 150 -6.67 14.55 2.46
C TYR A 150 -7.55 14.45 3.71
N ALA A 151 -8.06 15.59 4.16
CA ALA A 151 -9.03 15.66 5.25
C ALA A 151 -10.37 16.02 4.64
N VAL A 152 -11.35 15.12 4.79
CA VAL A 152 -12.61 15.17 4.05
C VAL A 152 -13.75 15.40 5.02
N GLY A 153 -14.45 16.52 4.85
CA GLY A 153 -15.66 16.82 5.60
C GLY A 153 -15.40 16.98 7.08
N GLY A 154 -16.37 16.57 7.87
CA GLY A 154 -16.29 16.74 9.31
C GLY A 154 -17.27 17.78 9.83
N TYR A 155 -17.02 18.21 11.06
CA TYR A 155 -17.88 19.15 11.77
C TYR A 155 -16.98 20.13 12.52
N ASP A 156 -17.22 21.43 12.32
CA ASP A 156 -16.33 22.45 12.85
C ASP A 156 -16.79 23.02 14.19
N GLY A 157 -17.80 22.40 14.81
CA GLY A 157 -18.40 22.92 16.01
C GLY A 157 -19.77 23.51 15.79
N ASN A 158 -20.10 23.92 14.56
CA ASN A 158 -21.37 24.58 14.29
C ASN A 158 -21.99 24.06 13.01
N THR A 159 -21.16 23.61 12.07
CA THR A 159 -21.61 23.26 10.73
C THR A 159 -20.98 21.95 10.31
N HIS A 160 -21.78 21.10 9.67
CA HIS A 160 -21.24 19.92 9.00
C HIS A 160 -20.64 20.37 7.67
N LEU A 161 -19.44 19.89 7.38
CA LEU A 161 -18.60 20.47 6.34
C LEU A 161 -18.69 19.68 5.04
N ASN A 162 -18.73 20.40 3.93
CA ASN A 162 -18.45 19.80 2.64
C ASN A 162 -17.02 20.07 2.18
N SER A 163 -16.25 20.86 2.93
CA SER A 163 -14.94 21.26 2.45
C SER A 163 -13.92 20.13 2.62
N VAL A 164 -12.87 20.20 1.80
CA VAL A 164 -11.82 19.19 1.75
C VAL A 164 -10.48 19.91 1.68
N GLU A 165 -9.49 19.47 2.45
CA GLU A 165 -8.16 20.06 2.32
C GLU A 165 -7.09 18.98 2.33
N ALA A 166 -5.95 19.31 1.72
CA ALA A 166 -4.88 18.35 1.49
C ALA A 166 -3.57 18.84 2.07
N TYR A 167 -2.82 17.93 2.65
CA TYR A 167 -1.60 18.23 3.38
C TYR A 167 -0.39 17.78 2.58
N ASP A 168 0.55 18.70 2.39
CA ASP A 168 1.81 18.39 1.72
C ASP A 168 2.91 18.34 2.77
N PRO A 169 3.41 17.16 3.14
CA PRO A 169 4.44 17.09 4.18
C PRO A 169 5.72 17.78 3.79
N HIS A 170 6.00 17.94 2.50
CA HIS A 170 7.23 18.61 2.08
C HIS A 170 7.15 20.10 2.33
N HIS A 171 5.97 20.69 2.23
CA HIS A 171 5.81 22.10 2.56
C HIS A 171 5.25 22.32 3.96
N ASN A 172 4.78 21.25 4.62
CA ASN A 172 4.10 21.35 5.91
C ASN A 172 2.98 22.39 5.83
N GLU A 173 2.05 22.14 4.92
CA GLU A 173 1.02 23.09 4.57
C GLU A 173 -0.24 22.37 4.11
N TRP A 174 -1.41 22.87 4.53
CA TRP A 174 -2.71 22.42 4.07
C TRP A 174 -3.24 23.39 3.02
N SER A 175 -3.91 22.85 1.99
CA SER A 175 -4.53 23.61 0.92
C SER A 175 -5.93 23.08 0.67
N LEU A 176 -6.88 23.98 0.45
CA LEU A 176 -8.22 23.54 0.09
C LEU A 176 -8.21 22.93 -1.31
N VAL A 177 -9.01 21.88 -1.50
CA VAL A 177 -9.24 21.34 -2.84
C VAL A 177 -10.74 21.41 -3.09
N ALA A 178 -11.23 20.69 -4.11
CA ALA A 178 -12.64 20.79 -4.45
C ALA A 178 -13.49 20.21 -3.33
N PRO A 179 -14.60 20.87 -2.97
CA PRO A 179 -15.43 20.38 -1.88
C PRO A 179 -16.37 19.26 -2.34
N LEU A 180 -16.80 18.47 -1.36
CA LEU A 180 -17.83 17.47 -1.60
C LEU A 180 -19.09 18.11 -2.17
N SER A 181 -19.87 17.32 -2.89
CA SER A 181 -21.20 17.78 -3.29
C SER A 181 -22.15 17.88 -2.11
N THR A 182 -21.88 17.15 -1.04
CA THR A 182 -22.80 17.03 0.09
C THR A 182 -21.99 17.21 1.36
N ARG A 183 -22.55 17.91 2.35
CA ARG A 183 -21.91 17.97 3.66
C ARG A 183 -21.90 16.58 4.29
N ARG A 184 -20.77 16.21 4.90
CA ARG A 184 -20.62 14.88 5.49
C ARG A 184 -19.73 14.96 6.71
N SER A 185 -20.29 14.74 7.90
CA SER A 185 -19.50 14.42 9.09
C SER A 185 -19.70 12.94 9.41
N GLY A 186 -18.76 12.38 10.16
CA GLY A 186 -18.80 10.94 10.39
C GLY A 186 -18.67 10.17 9.10
N VAL A 187 -17.87 10.65 8.17
CA VAL A 187 -17.76 10.08 6.83
C VAL A 187 -16.60 9.09 6.81
N GLY A 188 -16.77 8.00 6.09
CA GLY A 188 -15.68 7.04 5.87
C GLY A 188 -14.99 7.35 4.55
N VAL A 189 -13.66 7.26 4.56
CA VAL A 189 -12.88 7.64 3.40
C VAL A 189 -11.84 6.55 3.15
N ALA A 190 -11.64 6.18 1.88
CA ALA A 190 -10.57 5.28 1.49
C ALA A 190 -10.14 5.58 0.06
N VAL A 191 -8.96 5.08 -0.30
CA VAL A 191 -8.36 5.37 -1.59
C VAL A 191 -8.32 4.09 -2.40
N LEU A 192 -8.77 4.15 -3.64
CA LEU A 192 -8.75 2.99 -4.53
C LEU A 192 -8.53 3.45 -5.96
N ASN A 193 -7.52 2.87 -6.61
CA ASN A 193 -7.26 3.12 -8.04
C ASN A 193 -7.05 4.60 -8.32
N GLY A 194 -6.36 5.29 -7.42
CA GLY A 194 -6.07 6.70 -7.61
C GLY A 194 -7.23 7.64 -7.33
N LEU A 195 -8.33 7.16 -6.77
CA LEU A 195 -9.48 7.98 -6.40
C LEU A 195 -9.71 7.90 -4.89
N ILE A 196 -10.22 8.99 -4.32
CA ILE A 196 -10.64 8.97 -2.92
C ILE A 196 -12.15 8.82 -2.89
N TYR A 197 -12.63 7.85 -2.11
CA TYR A 197 -14.05 7.64 -1.95
C TYR A 197 -14.49 8.17 -0.59
N ALA A 198 -15.56 8.97 -0.59
CA ALA A 198 -16.19 9.48 0.62
C ALA A 198 -17.52 8.75 0.77
N VAL A 199 -17.66 7.99 1.85
CA VAL A 199 -18.74 7.01 2.02
C VAL A 199 -19.64 7.47 3.15
N GLY A 200 -20.91 7.73 2.83
CA GLY A 200 -21.90 7.95 3.87
C GLY A 200 -21.63 9.21 4.66
N GLY A 201 -22.02 9.17 5.93
CA GLY A 201 -21.87 10.31 6.81
C GLY A 201 -23.20 10.95 7.13
N TYR A 202 -23.13 12.15 7.68
CA TYR A 202 -24.30 12.88 8.19
C TYR A 202 -24.21 14.33 7.72
N ASP A 203 -25.29 14.86 7.15
CA ASP A 203 -25.24 16.19 6.55
C ASP A 203 -25.87 17.26 7.42
N GLY A 204 -26.14 16.96 8.69
CA GLY A 204 -26.85 17.86 9.57
C GLY A 204 -28.34 17.68 9.59
N ASN A 205 -28.90 17.04 8.56
CA ASN A 205 -30.32 16.78 8.43
C ASN A 205 -30.64 15.29 8.49
N THR A 206 -29.89 14.48 7.74
CA THR A 206 -30.10 13.04 7.71
C THR A 206 -28.78 12.32 7.58
N HIS A 207 -28.80 11.04 7.98
CA HIS A 207 -27.69 10.15 7.70
C HIS A 207 -27.76 9.68 6.26
N LEU A 208 -26.59 9.55 5.64
CA LEU A 208 -26.46 9.45 4.20
C LEU A 208 -26.12 8.03 3.77
N ASN A 209 -26.69 7.60 2.65
CA ASN A 209 -26.20 6.43 1.93
C ASN A 209 -25.39 6.82 0.70
N SER A 210 -25.29 8.10 0.37
CA SER A 210 -24.64 8.49 -0.87
C SER A 210 -23.13 8.36 -0.74
N VAL A 211 -22.48 8.15 -1.88
CA VAL A 211 -21.03 7.97 -1.98
C VAL A 211 -20.53 8.83 -3.13
N GLU A 212 -19.38 9.50 -2.91
CA GLU A 212 -18.73 10.38 -3.87
C GLU A 212 -17.28 9.95 -4.04
N ALA A 213 -16.74 10.13 -5.25
CA ALA A 213 -15.36 9.81 -5.53
C ALA A 213 -14.62 11.02 -6.08
N TYR A 214 -13.40 11.22 -5.59
CA TYR A 214 -12.59 12.39 -5.95
C TYR A 214 -11.47 11.97 -6.91
N ASP A 215 -11.34 12.71 -7.99
CA ASP A 215 -10.28 12.51 -8.96
C ASP A 215 -9.29 13.65 -8.86
N PRO A 216 -8.08 13.42 -8.37
CA PRO A 216 -7.13 14.53 -8.21
C PRO A 216 -6.70 15.14 -9.52
N GLU A 217 -6.76 14.39 -10.62
CA GLU A 217 -6.36 14.93 -11.91
C GLU A 217 -7.34 16.02 -12.37
N ARG A 218 -8.63 15.81 -12.16
CA ARG A 218 -9.64 16.79 -12.54
C ARG A 218 -10.03 17.71 -11.39
N ASN A 219 -9.55 17.44 -10.18
CA ASN A 219 -9.96 18.13 -8.95
C ASN A 219 -11.48 18.28 -8.91
N GLU A 220 -12.16 17.13 -8.88
CA GLU A 220 -13.62 17.17 -8.79
C GLU A 220 -14.15 15.86 -8.21
N TRP A 221 -15.30 15.97 -7.55
CA TRP A 221 -16.01 14.87 -6.94
C TRP A 221 -17.18 14.48 -7.83
N SER A 222 -17.41 13.17 -7.97
CA SER A 222 -18.53 12.61 -8.73
C SER A 222 -19.27 11.59 -7.87
N LEU A 223 -20.60 11.60 -7.92
CA LEU A 223 -21.34 10.60 -7.18
C LEU A 223 -21.15 9.23 -7.83
N VAL A 224 -21.09 8.19 -6.99
CA VAL A 224 -21.08 6.83 -7.52
C VAL A 224 -22.26 6.10 -6.88
N ALA A 225 -22.30 4.77 -7.01
CA ALA A 225 -23.47 4.04 -6.53
C ALA A 225 -23.60 4.20 -5.02
N PRO A 226 -24.81 4.41 -4.50
CA PRO A 226 -24.98 4.59 -3.06
C PRO A 226 -24.97 3.27 -2.32
N LEU A 227 -24.63 3.35 -1.03
CA LEU A 227 -24.74 2.20 -0.14
C LEU A 227 -26.17 1.63 -0.13
N SER A 228 -26.28 0.35 0.23
CA SER A 228 -27.60 -0.22 0.44
C SER A 228 -28.30 0.37 1.67
N THR A 229 -27.55 0.90 2.63
CA THR A 229 -28.12 1.48 3.83
C THR A 229 -27.39 2.76 4.19
N ARG A 230 -28.11 3.67 4.85
CA ARG A 230 -27.47 4.86 5.39
C ARG A 230 -26.40 4.46 6.41
N ARG A 231 -25.24 5.11 6.36
CA ARG A 231 -24.16 4.78 7.28
C ARG A 231 -23.37 6.05 7.61
N SER A 232 -23.38 6.44 8.88
CA SER A 232 -22.45 7.44 9.40
C SER A 232 -21.67 6.79 10.54
N GLY A 233 -20.53 7.40 10.88
CA GLY A 233 -19.62 6.74 11.81
C GLY A 233 -19.21 5.38 11.30
N VAL A 234 -19.02 5.26 9.99
CA VAL A 234 -18.78 4.00 9.31
C VAL A 234 -17.28 3.84 9.08
N GLY A 235 -16.77 2.62 9.25
CA GLY A 235 -15.36 2.35 8.94
C GLY A 235 -15.24 1.88 7.50
N VAL A 236 -14.21 2.38 6.80
CA VAL A 236 -14.05 2.10 5.38
C VAL A 236 -12.61 1.67 5.14
N ALA A 237 -12.42 0.57 4.41
CA ALA A 237 -11.09 0.06 4.09
C ALA A 237 -11.11 -0.60 2.72
N VAL A 238 -9.95 -0.64 2.09
CA VAL A 238 -9.80 -1.18 0.75
C VAL A 238 -9.03 -2.48 0.84
N LEU A 239 -9.55 -3.53 0.23
CA LEU A 239 -8.92 -4.84 0.20
C LEU A 239 -9.28 -5.57 -1.09
N ASN A 240 -8.26 -6.00 -1.83
CA ASN A 240 -8.45 -6.78 -3.07
C ASN A 240 -9.30 -6.02 -4.09
N GLY A 241 -9.05 -4.71 -4.21
CA GLY A 241 -9.76 -3.91 -5.21
C GLY A 241 -11.20 -3.60 -4.86
N LEU A 242 -11.64 -3.90 -3.64
CA LEU A 242 -12.98 -3.61 -3.17
C LEU A 242 -12.90 -2.61 -2.02
N ILE A 243 -13.94 -1.81 -1.87
CA ILE A 243 -14.08 -0.93 -0.72
C ILE A 243 -15.10 -1.56 0.22
N TYR A 244 -14.71 -1.75 1.47
CA TYR A 244 -15.61 -2.27 2.50
C TYR A 244 -16.10 -1.15 3.39
N ALA A 245 -17.43 -1.04 3.55
CA ALA A 245 -18.06 -0.18 4.52
C ALA A 245 -18.53 -1.03 5.71
N VAL A 246 -17.97 -0.77 6.88
CA VAL A 246 -18.13 -1.63 8.05
C VAL A 246 -18.95 -0.90 9.10
N GLY A 247 -20.10 -1.45 9.46
CA GLY A 247 -20.83 -0.95 10.61
C GLY A 247 -21.37 0.45 10.34
N GLY A 248 -21.46 1.25 11.39
CA GLY A 248 -22.00 2.59 11.28
C GLY A 248 -23.36 2.75 11.94
N TYR A 249 -24.06 3.79 11.54
CA TYR A 249 -25.34 4.17 12.13
C TYR A 249 -26.24 4.63 11.01
N ASP A 250 -27.46 4.09 10.92
CA ASP A 250 -28.31 4.36 9.77
C ASP A 250 -29.41 5.37 10.07
N GLY A 251 -29.27 6.17 11.12
CA GLY A 251 -30.33 7.07 11.52
C GLY A 251 -31.36 6.45 12.42
N ASN A 252 -31.28 5.15 12.66
CA ASN A 252 -32.28 4.44 13.45
C ASN A 252 -31.55 3.63 14.51
N THR A 253 -30.59 2.81 14.08
CA THR A 253 -29.85 1.96 14.99
C THR A 253 -28.40 1.85 14.55
N HIS A 254 -27.59 1.28 15.43
CA HIS A 254 -26.20 1.01 15.12
C HIS A 254 -26.09 -0.34 14.43
N LEU A 255 -25.17 -0.43 13.47
CA LEU A 255 -25.20 -1.50 12.47
C LEU A 255 -24.11 -2.53 12.73
N ASN A 256 -24.45 -3.79 12.55
CA ASN A 256 -23.44 -4.83 12.42
C ASN A 256 -23.24 -5.23 10.96
N SER A 257 -24.00 -4.65 10.02
CA SER A 257 -23.90 -5.06 8.63
C SER A 257 -22.67 -4.46 7.96
N VAL A 258 -22.25 -5.10 6.89
CA VAL A 258 -21.04 -4.74 6.13
C VAL A 258 -21.36 -4.90 4.65
N GLU A 259 -20.94 -3.92 3.83
CA GLU A 259 -21.13 -3.99 2.39
C GLU A 259 -19.80 -3.71 1.69
N ALA A 260 -19.66 -4.25 0.47
CA ALA A 260 -18.44 -4.07 -0.30
C ALA A 260 -18.75 -3.54 -1.69
N TYR A 261 -17.92 -2.61 -2.15
CA TYR A 261 -18.14 -1.91 -3.39
C TYR A 261 -17.14 -2.39 -4.44
N ASP A 262 -17.67 -2.77 -5.60
CA ASP A 262 -16.87 -3.16 -6.74
C ASP A 262 -16.87 -2.02 -7.76
N PRO A 263 -15.74 -1.33 -7.96
CA PRO A 263 -15.74 -0.22 -8.93
C PRO A 263 -15.94 -0.65 -10.36
N HIS A 264 -15.64 -1.91 -10.71
CA HIS A 264 -15.86 -2.36 -12.07
C HIS A 264 -17.35 -2.47 -12.39
N HIS A 265 -18.14 -2.93 -11.43
CA HIS A 265 -19.59 -3.02 -11.59
C HIS A 265 -20.32 -1.78 -11.07
N ASN A 266 -19.64 -0.94 -10.30
CA ASN A 266 -20.25 0.21 -9.62
C ASN A 266 -21.49 -0.24 -8.84
N GLU A 267 -21.29 -1.19 -7.94
CA GLU A 267 -22.38 -1.67 -7.12
C GLU A 267 -21.85 -2.13 -5.78
N TRP A 268 -22.71 -2.02 -4.77
CA TRP A 268 -22.45 -2.49 -3.41
C TRP A 268 -23.17 -3.82 -3.19
N SER A 269 -22.52 -4.74 -2.46
CA SER A 269 -23.21 -5.96 -2.05
C SER A 269 -22.85 -6.29 -0.61
N LEU A 270 -23.79 -6.92 0.09
CA LEU A 270 -23.56 -7.24 1.48
C LEU A 270 -22.57 -8.40 1.62
N VAL A 271 -21.78 -8.35 2.68
CA VAL A 271 -20.90 -9.45 3.02
C VAL A 271 -21.27 -9.85 4.44
N ALA A 272 -20.51 -10.75 5.05
CA ALA A 272 -20.88 -11.26 6.37
C ALA A 272 -20.90 -10.12 7.39
N PRO A 273 -21.83 -10.12 8.34
CA PRO A 273 -21.90 -9.02 9.30
C PRO A 273 -20.98 -9.23 10.50
N LEU A 274 -20.60 -8.10 11.12
CA LEU A 274 -19.91 -8.13 12.40
C LEU A 274 -20.69 -8.93 13.43
N SER A 275 -19.95 -9.52 14.38
CA SER A 275 -20.57 -10.13 15.55
C SER A 275 -21.25 -9.11 16.45
N THR A 276 -20.83 -7.84 16.37
CA THR A 276 -21.28 -6.78 17.28
C THR A 276 -21.62 -5.54 16.45
N ARG A 277 -22.73 -4.89 16.78
CA ARG A 277 -23.02 -3.57 16.21
C ARG A 277 -21.91 -2.60 16.55
N ARG A 278 -21.44 -1.84 15.56
CA ARG A 278 -20.32 -0.92 15.79
C ARG A 278 -20.51 0.33 14.93
N SER A 279 -20.83 1.45 15.57
CA SER A 279 -20.69 2.75 14.94
C SER A 279 -19.52 3.48 15.59
N GLY A 280 -18.98 4.46 14.89
CA GLY A 280 -17.76 5.10 15.33
C GLY A 280 -16.60 4.14 15.43
N VAL A 281 -16.53 3.17 14.51
CA VAL A 281 -15.57 2.08 14.53
C VAL A 281 -14.37 2.46 13.68
N GLY A 282 -13.19 2.01 14.09
CA GLY A 282 -11.99 2.16 13.27
C GLY A 282 -11.71 0.86 12.53
N VAL A 283 -11.29 1.00 11.27
CA VAL A 283 -11.09 -0.14 10.38
C VAL A 283 -9.73 -0.03 9.71
N ALA A 284 -8.99 -1.14 9.63
CA ALA A 284 -7.73 -1.15 8.90
C ALA A 284 -7.50 -2.53 8.30
N VAL A 285 -6.66 -2.57 7.27
CA VAL A 285 -6.35 -3.79 6.54
C VAL A 285 -4.93 -4.18 6.88
N LEU A 286 -4.73 -5.42 7.32
CA LEU A 286 -3.38 -5.95 7.59
C LEU A 286 -3.30 -7.41 7.19
N GLY B 6 8.91 5.82 3.41
CA GLY B 6 9.15 6.98 2.55
C GLY B 6 10.53 6.99 1.88
N LEU B 7 11.24 5.87 1.96
CA LEU B 7 12.55 5.70 1.36
C LEU B 7 12.50 4.63 0.28
N ILE B 8 13.31 4.81 -0.75
CA ILE B 8 13.51 3.78 -1.78
C ILE B 8 14.83 3.08 -1.53
N TYR B 9 14.79 1.76 -1.47
CA TYR B 9 15.98 0.94 -1.25
C TYR B 9 16.40 0.26 -2.55
N ALA B 10 17.66 0.41 -2.92
CA ALA B 10 18.26 -0.30 -4.04
C ALA B 10 19.15 -1.39 -3.46
N VAL B 11 18.83 -2.64 -3.78
CA VAL B 11 19.40 -3.80 -3.13
C VAL B 11 20.20 -4.59 -4.15
N GLY B 12 21.51 -4.74 -3.90
CA GLY B 12 22.30 -5.63 -4.72
C GLY B 12 22.42 -5.13 -6.14
N GLY B 13 22.53 -6.07 -7.07
CA GLY B 13 22.74 -5.74 -8.46
C GLY B 13 24.16 -6.05 -8.92
N TYR B 14 24.54 -5.41 -10.03
CA TYR B 14 25.80 -5.70 -10.69
C TYR B 14 26.31 -4.41 -11.31
N ASP B 15 27.62 -4.12 -11.13
CA ASP B 15 28.16 -2.82 -11.53
C ASP B 15 29.09 -2.92 -12.73
N GLY B 16 29.06 -4.04 -13.45
CA GLY B 16 30.01 -4.28 -14.54
C GLY B 16 31.31 -4.92 -14.10
N ASN B 17 31.60 -4.90 -12.81
CA ASN B 17 32.82 -5.50 -12.26
C ASN B 17 32.51 -6.65 -11.32
N THR B 18 31.55 -6.47 -10.41
CA THR B 18 31.22 -7.53 -9.48
C THR B 18 29.73 -7.49 -9.17
N HIS B 19 29.22 -8.63 -8.74
CA HIS B 19 27.88 -8.68 -8.17
C HIS B 19 27.95 -8.11 -6.75
N LEU B 20 26.91 -7.38 -6.36
CA LEU B 20 26.98 -6.49 -5.21
C LEU B 20 26.23 -7.06 -4.02
N ASN B 21 26.82 -6.89 -2.82
CA ASN B 21 26.06 -7.03 -1.59
C ASN B 21 25.65 -5.68 -1.01
N SER B 22 26.07 -4.58 -1.62
CA SER B 22 25.80 -3.27 -1.04
C SER B 22 24.35 -2.87 -1.29
N VAL B 23 23.86 -2.00 -0.42
CA VAL B 23 22.47 -1.53 -0.41
C VAL B 23 22.50 -0.04 -0.10
N GLU B 24 21.71 0.75 -0.83
CA GLU B 24 21.59 2.18 -0.56
C GLU B 24 20.12 2.61 -0.58
N ALA B 25 19.84 3.70 0.12
CA ALA B 25 18.47 4.19 0.32
C ALA B 25 18.36 5.64 -0.11
N TYR B 26 17.26 5.95 -0.78
CA TYR B 26 17.02 7.26 -1.38
C TYR B 26 15.99 8.00 -0.55
N ASP B 27 16.33 9.22 -0.13
CA ASP B 27 15.42 10.11 0.56
C ASP B 27 14.95 11.17 -0.42
N PRO B 28 13.66 11.16 -0.82
CA PRO B 28 13.20 12.18 -1.79
C PRO B 28 13.21 13.57 -1.22
N GLU B 29 13.09 13.72 0.10
CA GLU B 29 13.08 15.06 0.69
C GLU B 29 14.44 15.72 0.59
N ARG B 30 15.52 14.94 0.59
CA ARG B 30 16.87 15.46 0.43
C ARG B 30 17.44 15.21 -0.95
N ASN B 31 16.78 14.38 -1.76
CA ASN B 31 17.26 13.95 -3.07
C ASN B 31 18.70 13.44 -2.98
N GLU B 32 18.91 12.41 -2.14
CA GLU B 32 20.23 11.81 -2.06
C GLU B 32 20.13 10.35 -1.64
N TRP B 33 21.12 9.58 -2.06
CA TRP B 33 21.26 8.19 -1.67
C TRP B 33 22.29 8.08 -0.55
N SER B 34 22.04 7.14 0.36
CA SER B 34 22.95 6.83 1.46
C SER B 34 23.08 5.32 1.61
N LEU B 35 24.30 4.85 1.87
CA LEU B 35 24.50 3.41 2.08
C LEU B 35 23.85 2.96 3.39
N VAL B 36 23.28 1.76 3.37
CA VAL B 36 22.83 1.13 4.61
C VAL B 36 23.59 -0.19 4.74
N ALA B 37 23.16 -1.07 5.67
CA ALA B 37 23.92 -2.29 5.92
C ALA B 37 23.89 -3.19 4.68
N PRO B 38 25.01 -3.83 4.34
CA PRO B 38 25.03 -4.69 3.16
C PRO B 38 24.40 -6.05 3.40
N LEU B 39 23.98 -6.67 2.30
CA LEU B 39 23.52 -8.06 2.34
C LEU B 39 24.64 -8.98 2.80
N SER B 40 24.25 -10.13 3.37
CA SER B 40 25.22 -11.16 3.71
C SER B 40 25.81 -11.81 2.47
N THR B 41 25.07 -11.83 1.36
CA THR B 41 25.46 -12.48 0.13
C THR B 41 25.35 -11.49 -1.01
N ARG B 42 26.32 -11.50 -1.93
CA ARG B 42 26.15 -10.75 -3.18
C ARG B 42 24.95 -11.31 -3.95
N ARG B 43 24.15 -10.41 -4.53
CA ARG B 43 22.90 -10.81 -5.18
C ARG B 43 22.61 -9.85 -6.32
N SER B 44 22.65 -10.34 -7.56
CA SER B 44 22.04 -9.63 -8.69
C SER B 44 20.89 -10.47 -9.23
N GLY B 45 20.01 -9.84 -10.00
CA GLY B 45 18.81 -10.54 -10.42
C GLY B 45 17.98 -10.97 -9.23
N VAL B 46 17.97 -10.14 -8.19
CA VAL B 46 17.36 -10.45 -6.91
C VAL B 46 15.96 -9.85 -6.87
N GLY B 47 15.02 -10.58 -6.28
CA GLY B 47 13.68 -10.03 -6.06
C GLY B 47 13.60 -9.42 -4.68
N VAL B 48 12.91 -8.27 -4.58
CA VAL B 48 12.84 -7.53 -3.34
C VAL B 48 11.39 -7.12 -3.08
N ALA B 49 10.94 -7.29 -1.83
CA ALA B 49 9.58 -6.90 -1.46
C ALA B 49 9.55 -6.47 0.00
N VAL B 50 8.52 -5.71 0.35
CA VAL B 50 8.34 -5.16 1.69
C VAL B 50 7.13 -5.84 2.32
N LEU B 51 7.30 -6.31 3.55
CA LEU B 51 6.23 -6.97 4.29
C LEU B 51 6.49 -6.74 5.77
N ASN B 52 5.51 -6.14 6.47
CA ASN B 52 5.56 -6.04 7.94
C ASN B 52 6.73 -5.17 8.40
N GLY B 53 7.05 -4.13 7.62
CA GLY B 53 8.15 -3.26 8.00
C GLY B 53 9.54 -3.83 7.75
N LEU B 54 9.64 -4.98 7.08
CA LEU B 54 10.92 -5.57 6.70
C LEU B 54 11.04 -5.62 5.18
N ILE B 55 12.27 -5.56 4.68
CA ILE B 55 12.58 -5.75 3.27
C ILE B 55 13.15 -7.14 3.09
N TYR B 56 12.58 -7.90 2.16
CA TYR B 56 13.05 -9.25 1.89
C TYR B 56 13.80 -9.26 0.57
N ALA B 57 15.01 -9.80 0.59
CA ALA B 57 15.81 -10.00 -0.60
C ALA B 57 15.78 -11.48 -0.92
N VAL B 58 15.26 -11.82 -2.09
CA VAL B 58 14.88 -13.19 -2.43
C VAL B 58 15.73 -13.65 -3.60
N GLY B 59 16.51 -14.73 -3.38
CA GLY B 59 17.21 -15.36 -4.49
C GLY B 59 18.27 -14.46 -5.08
N GLY B 60 18.47 -14.61 -6.38
CA GLY B 60 19.45 -13.85 -7.09
C GLY B 60 20.66 -14.70 -7.47
N TYR B 61 21.77 -14.01 -7.72
CA TYR B 61 22.95 -14.63 -8.31
C TYR B 61 24.17 -13.93 -7.73
N ASP B 62 25.13 -14.70 -7.24
CA ASP B 62 26.26 -14.10 -6.53
C ASP B 62 27.52 -14.06 -7.37
N GLY B 63 27.43 -14.34 -8.67
CA GLY B 63 28.57 -14.42 -9.55
C GLY B 63 28.99 -15.83 -9.90
N ASN B 64 28.65 -16.80 -9.04
CA ASN B 64 29.03 -18.19 -9.27
C ASN B 64 27.84 -19.12 -9.14
N THR B 65 26.87 -18.77 -8.30
CA THR B 65 25.77 -19.67 -8.02
C THR B 65 24.45 -18.91 -8.00
N HIS B 66 23.42 -19.54 -8.54
CA HIS B 66 22.07 -19.01 -8.42
C HIS B 66 21.52 -19.40 -7.06
N LEU B 67 20.96 -18.43 -6.34
CA LEU B 67 20.74 -18.56 -4.91
C LEU B 67 19.32 -19.00 -4.60
N ASN B 68 19.17 -19.86 -3.60
CA ASN B 68 17.87 -20.07 -2.98
C ASN B 68 17.73 -19.32 -1.66
N SER B 69 18.80 -18.69 -1.17
CA SER B 69 18.73 -18.07 0.14
C SER B 69 17.90 -16.80 0.11
N VAL B 70 17.41 -16.41 1.28
CA VAL B 70 16.54 -15.25 1.46
C VAL B 70 16.99 -14.53 2.72
N GLU B 71 17.12 -13.19 2.64
CA GLU B 71 17.51 -12.33 3.76
C GLU B 71 16.44 -11.27 3.97
N ALA B 72 16.27 -10.84 5.22
CA ALA B 72 15.32 -9.79 5.56
C ALA B 72 16.01 -8.65 6.28
N TYR B 73 15.66 -7.42 5.93
CA TYR B 73 16.28 -6.21 6.46
C TYR B 73 15.34 -5.53 7.45
N ASP B 74 15.85 -5.25 8.64
CA ASP B 74 15.09 -4.49 9.62
C ASP B 74 15.68 -3.10 9.72
N PRO B 75 14.98 -2.05 9.26
CA PRO B 75 15.57 -0.71 9.31
C PRO B 75 15.80 -0.20 10.71
N HIS B 76 15.08 -0.69 11.71
CA HIS B 76 15.30 -0.23 13.08
C HIS B 76 16.66 -0.70 13.61
N HIS B 77 17.07 -1.91 13.23
CA HIS B 77 18.37 -2.43 13.64
C HIS B 77 19.45 -2.23 12.59
N ASN B 78 19.09 -1.81 11.38
CA ASN B 78 19.98 -1.70 10.22
C ASN B 78 20.82 -2.96 10.07
N GLU B 79 20.12 -4.09 9.91
CA GLU B 79 20.77 -5.39 9.86
C GLU B 79 19.94 -6.35 9.01
N TRP B 80 20.64 -7.20 8.25
CA TRP B 80 20.02 -8.27 7.49
C TRP B 80 20.12 -9.58 8.26
N SER B 81 19.05 -10.38 8.22
CA SER B 81 18.99 -11.71 8.84
C SER B 81 18.49 -12.71 7.82
N LEU B 82 19.13 -13.88 7.75
CA LEU B 82 18.62 -14.90 6.84
C LEU B 82 17.31 -15.46 7.37
N VAL B 83 16.40 -15.78 6.45
CA VAL B 83 15.18 -16.48 6.83
C VAL B 83 15.16 -17.78 6.03
N ALA B 84 14.02 -18.48 6.02
CA ALA B 84 13.98 -19.76 5.35
C ALA B 84 14.30 -19.60 3.85
N PRO B 85 15.09 -20.50 3.27
CA PRO B 85 15.37 -20.42 1.84
C PRO B 85 14.21 -20.93 0.99
N LEU B 86 14.21 -20.45 -0.27
CA LEU B 86 13.34 -21.00 -1.31
C LEU B 86 13.53 -22.50 -1.46
N SER B 87 12.49 -23.17 -1.93
CA SER B 87 12.66 -24.58 -2.30
C SER B 87 13.51 -24.75 -3.55
N THR B 88 13.65 -23.69 -4.35
CA THR B 88 14.28 -23.75 -5.66
C THR B 88 15.19 -22.52 -5.80
N ARG B 89 16.41 -22.73 -6.30
CA ARG B 89 17.25 -21.59 -6.64
C ARG B 89 16.57 -20.73 -7.69
N ARG B 90 16.60 -19.41 -7.51
CA ARG B 90 15.89 -18.48 -8.39
C ARG B 90 16.69 -17.19 -8.56
N SER B 91 17.31 -17.00 -9.71
CA SER B 91 17.81 -15.70 -10.10
C SER B 91 16.93 -15.13 -11.20
N GLY B 92 16.94 -13.81 -11.34
CA GLY B 92 16.03 -13.16 -12.26
C GLY B 92 14.59 -13.41 -11.88
N VAL B 93 14.30 -13.40 -10.60
CA VAL B 93 13.02 -13.82 -10.05
C VAL B 93 12.17 -12.59 -9.80
N GLY B 94 10.86 -12.70 -10.02
CA GLY B 94 9.93 -11.61 -9.67
C GLY B 94 9.32 -11.89 -8.31
N VAL B 95 9.18 -10.83 -7.50
CA VAL B 95 8.69 -10.98 -6.13
C VAL B 95 7.63 -9.92 -5.85
N ALA B 96 6.52 -10.34 -5.22
CA ALA B 96 5.43 -9.44 -4.85
C ALA B 96 4.80 -9.93 -3.55
N VAL B 97 4.15 -8.99 -2.86
CA VAL B 97 3.52 -9.25 -1.57
C VAL B 97 2.01 -9.14 -1.74
N LEU B 98 1.28 -10.12 -1.23
CA LEU B 98 -0.17 -10.16 -1.34
C LEU B 98 -0.73 -10.97 -0.18
N ASN B 99 -1.66 -10.37 0.57
CA ASN B 99 -2.38 -11.04 1.66
C ASN B 99 -1.41 -11.55 2.73
N GLY B 100 -0.34 -10.80 2.99
CA GLY B 100 0.60 -11.19 4.02
C GLY B 100 1.62 -12.24 3.61
N LEU B 101 1.66 -12.61 2.33
CA LEU B 101 2.58 -13.60 1.81
C LEU B 101 3.48 -12.96 0.75
N ILE B 102 4.71 -13.46 0.66
CA ILE B 102 5.63 -13.04 -0.39
C ILE B 102 5.62 -14.12 -1.46
N TYR B 103 5.33 -13.73 -2.70
CA TYR B 103 5.33 -14.67 -3.81
C TYR B 103 6.62 -14.52 -4.59
N ALA B 104 7.29 -15.64 -4.83
CA ALA B 104 8.47 -15.70 -5.68
C ALA B 104 8.05 -16.37 -6.99
N VAL B 105 8.17 -15.64 -8.10
CA VAL B 105 7.60 -16.03 -9.38
C VAL B 105 8.74 -16.27 -10.36
N GLY B 106 8.81 -17.49 -10.89
CA GLY B 106 9.73 -17.76 -11.98
C GLY B 106 11.18 -17.62 -11.56
N GLY B 107 12.01 -17.25 -12.52
CA GLY B 107 13.43 -17.15 -12.33
C GLY B 107 14.18 -18.24 -13.07
N TYR B 108 15.44 -18.42 -12.68
CA TYR B 108 16.35 -19.37 -13.32
C TYR B 108 17.11 -20.08 -12.21
N ASP B 109 17.18 -21.41 -12.28
CA ASP B 109 17.77 -22.16 -11.17
C ASP B 109 19.20 -22.60 -11.42
N GLY B 110 19.82 -22.14 -12.52
CA GLY B 110 21.15 -22.56 -12.90
C GLY B 110 21.19 -23.44 -14.12
N ASN B 111 20.08 -24.09 -14.45
CA ASN B 111 19.96 -24.88 -15.67
C ASN B 111 18.63 -24.73 -16.37
N THR B 112 17.57 -24.28 -15.68
CA THR B 112 16.21 -24.31 -16.20
C THR B 112 15.54 -22.98 -15.88
N HIS B 113 14.87 -22.39 -16.88
CA HIS B 113 14.00 -21.26 -16.64
C HIS B 113 12.69 -21.77 -16.06
N LEU B 114 12.21 -21.14 -14.99
CA LEU B 114 11.19 -21.72 -14.13
C LEU B 114 9.80 -21.18 -14.45
N ASN B 115 8.82 -22.08 -14.45
CA ASN B 115 7.42 -21.71 -14.37
C ASN B 115 6.87 -21.82 -12.96
N SER B 116 7.61 -22.42 -12.02
CA SER B 116 7.11 -22.65 -10.67
C SER B 116 7.03 -21.33 -9.87
N VAL B 117 6.17 -21.35 -8.86
CA VAL B 117 5.91 -20.18 -8.01
C VAL B 117 5.78 -20.68 -6.58
N GLU B 118 6.41 -20.01 -5.63
CA GLU B 118 6.25 -20.39 -4.24
C GLU B 118 5.95 -19.15 -3.41
N ALA B 119 5.33 -19.36 -2.25
CA ALA B 119 4.89 -18.28 -1.40
C ALA B 119 5.44 -18.43 0.02
N TYR B 120 5.85 -17.32 0.59
CA TYR B 120 6.47 -17.31 1.91
C TYR B 120 5.48 -16.80 2.95
N ASP B 121 5.32 -17.57 4.02
CA ASP B 121 4.48 -17.17 5.14
C ASP B 121 5.38 -16.78 6.31
N PRO B 122 5.48 -15.50 6.66
CA PRO B 122 6.41 -15.10 7.74
C PRO B 122 6.05 -15.67 9.09
N GLU B 123 4.76 -15.94 9.34
CA GLU B 123 4.36 -16.54 10.61
C GLU B 123 4.95 -17.93 10.78
N ARG B 124 4.96 -18.73 9.73
CA ARG B 124 5.52 -20.08 9.81
C ARG B 124 6.98 -20.14 9.37
N ASN B 125 7.51 -19.07 8.79
CA ASN B 125 8.85 -19.03 8.20
C ASN B 125 9.06 -20.23 7.28
N GLU B 126 8.17 -20.37 6.31
CA GLU B 126 8.34 -21.47 5.36
C GLU B 126 7.76 -21.07 4.00
N TRP B 127 8.30 -21.68 2.96
CA TRP B 127 7.84 -21.48 1.60
C TRP B 127 6.99 -22.67 1.18
N SER B 128 5.96 -22.41 0.39
CA SER B 128 5.10 -23.46 -0.16
C SER B 128 4.86 -23.19 -1.63
N LEU B 129 4.87 -24.24 -2.45
CA LEU B 129 4.59 -24.05 -3.87
C LEU B 129 3.12 -23.68 -4.08
N VAL B 130 2.86 -22.84 -5.07
CA VAL B 130 1.49 -22.58 -5.47
C VAL B 130 1.37 -22.96 -6.95
N ALA B 131 0.27 -22.58 -7.58
CA ALA B 131 0.06 -22.94 -8.97
C ALA B 131 1.18 -22.37 -9.83
N PRO B 132 1.66 -23.13 -10.82
CA PRO B 132 2.73 -22.62 -11.68
C PRO B 132 2.19 -21.68 -12.75
N LEU B 133 3.09 -20.84 -13.26
CA LEU B 133 2.78 -20.08 -14.45
C LEU B 133 2.48 -21.00 -15.63
N SER B 134 1.74 -20.47 -16.60
CA SER B 134 1.55 -21.23 -17.83
C SER B 134 2.80 -21.23 -18.69
N THR B 135 3.73 -20.31 -18.45
CA THR B 135 4.93 -20.14 -19.25
C THR B 135 6.12 -20.01 -18.32
N ARG B 136 7.25 -20.60 -18.69
CA ARG B 136 8.48 -20.35 -17.94
C ARG B 136 8.90 -18.91 -18.12
N ARG B 137 9.30 -18.26 -17.02
CA ARG B 137 9.62 -16.83 -17.05
C ARG B 137 10.78 -16.55 -16.10
N SER B 138 11.96 -16.22 -16.65
CA SER B 138 13.03 -15.59 -15.87
C SER B 138 13.22 -14.17 -16.37
N GLY B 139 13.77 -13.32 -15.50
CA GLY B 139 13.81 -11.90 -15.81
C GLY B 139 12.42 -11.30 -15.93
N VAL B 140 11.48 -11.80 -15.15
CA VAL B 140 10.08 -11.43 -15.23
C VAL B 140 9.82 -10.29 -14.26
N GLY B 141 8.97 -9.34 -14.63
CA GLY B 141 8.51 -8.31 -13.71
C GLY B 141 7.17 -8.72 -13.11
N VAL B 142 7.00 -8.46 -11.82
N VAL B 142 6.96 -8.37 -11.84
CA VAL B 142 5.75 -8.79 -11.16
CA VAL B 142 5.82 -8.85 -11.07
C VAL B 142 5.26 -7.58 -10.38
C VAL B 142 5.28 -7.72 -10.19
N ALA B 143 3.96 -7.52 -10.19
CA ALA B 143 3.33 -6.48 -9.39
C ALA B 143 1.93 -6.93 -9.01
N VAL B 144 1.41 -6.32 -7.95
CA VAL B 144 0.10 -6.68 -7.39
C VAL B 144 -0.88 -5.56 -7.70
N LEU B 145 -2.04 -5.94 -8.22
CA LEU B 145 -3.10 -4.98 -8.46
C LEU B 145 -4.45 -5.66 -8.23
N ASN B 146 -5.26 -5.07 -7.36
CA ASN B 146 -6.65 -5.47 -7.17
C ASN B 146 -6.75 -6.93 -6.72
N GLY B 147 -5.84 -7.33 -5.85
CA GLY B 147 -5.85 -8.69 -5.35
C GLY B 147 -5.29 -9.75 -6.28
N LEU B 148 -4.71 -9.35 -7.41
CA LEU B 148 -4.10 -10.28 -8.36
C LEU B 148 -2.61 -9.96 -8.50
N ILE B 149 -1.81 -11.01 -8.74
CA ILE B 149 -0.39 -10.84 -9.07
C ILE B 149 -0.24 -10.93 -10.58
N TYR B 150 0.40 -9.93 -11.17
CA TYR B 150 0.66 -9.90 -12.60
C TYR B 150 2.11 -10.26 -12.85
N ALA B 151 2.34 -11.23 -13.73
CA ALA B 151 3.67 -11.61 -14.17
C ALA B 151 3.83 -11.11 -15.61
N VAL B 152 4.82 -10.25 -15.83
CA VAL B 152 4.93 -9.44 -17.04
C VAL B 152 6.21 -9.83 -17.76
N GLY B 153 6.08 -10.40 -18.95
CA GLY B 153 7.23 -10.61 -19.79
C GLY B 153 8.15 -11.67 -19.22
N GLY B 154 9.44 -11.52 -19.50
CA GLY B 154 10.44 -12.47 -19.08
C GLY B 154 10.99 -13.25 -20.26
N TYR B 155 11.62 -14.39 -19.95
CA TYR B 155 12.35 -15.19 -20.92
C TYR B 155 12.09 -16.65 -20.60
N ASP B 156 11.63 -17.42 -21.59
CA ASP B 156 11.20 -18.78 -21.32
C ASP B 156 12.26 -19.83 -21.65
N GLY B 157 13.51 -19.42 -21.86
CA GLY B 157 14.58 -20.31 -22.26
C GLY B 157 14.83 -20.33 -23.76
N ASN B 158 13.80 -20.03 -24.55
CA ASN B 158 13.90 -19.92 -26.00
C ASN B 158 13.71 -18.51 -26.52
N THR B 159 12.76 -17.75 -25.97
CA THR B 159 12.47 -16.43 -26.49
C THR B 159 12.07 -15.49 -25.36
N HIS B 160 12.44 -14.22 -25.53
CA HIS B 160 11.90 -13.16 -24.70
C HIS B 160 10.42 -12.98 -25.00
N LEU B 161 9.66 -12.57 -23.97
CA LEU B 161 8.21 -12.73 -23.97
C LEU B 161 7.52 -11.38 -23.94
N ASN B 162 6.42 -11.28 -24.69
CA ASN B 162 5.49 -10.18 -24.53
C ASN B 162 4.24 -10.60 -23.78
N SER B 163 4.13 -11.86 -23.39
CA SER B 163 2.88 -12.30 -22.77
C SER B 163 2.83 -11.89 -21.29
N VAL B 164 1.60 -11.83 -20.77
CA VAL B 164 1.33 -11.38 -19.40
C VAL B 164 0.28 -12.32 -18.81
N GLU B 165 0.50 -12.78 -17.58
CA GLU B 165 -0.51 -13.59 -16.92
C GLU B 165 -0.75 -13.08 -15.50
N ALA B 166 -1.93 -13.40 -14.98
CA ALA B 166 -2.38 -12.87 -13.69
C ALA B 166 -2.83 -14.02 -12.80
N TYR B 167 -2.47 -13.91 -11.53
CA TYR B 167 -2.69 -14.97 -10.55
C TYR B 167 -3.81 -14.58 -9.60
N ASP B 168 -4.78 -15.47 -9.43
CA ASP B 168 -5.88 -15.25 -8.51
C ASP B 168 -5.69 -16.18 -7.33
N PRO B 169 -5.31 -15.67 -6.16
CA PRO B 169 -5.08 -16.56 -5.00
C PRO B 169 -6.32 -17.28 -4.54
N HIS B 170 -7.52 -16.76 -4.84
CA HIS B 170 -8.74 -17.43 -4.41
C HIS B 170 -8.96 -18.71 -5.19
N HIS B 171 -8.64 -18.71 -6.49
CA HIS B 171 -8.72 -19.90 -7.33
C HIS B 171 -7.41 -20.66 -7.43
N ASN B 172 -6.30 -20.07 -6.97
CA ASN B 172 -4.95 -20.61 -7.15
C ASN B 172 -4.73 -20.99 -8.62
N GLU B 173 -4.77 -19.97 -9.48
CA GLU B 173 -4.82 -20.16 -10.92
C GLU B 173 -4.23 -18.94 -11.62
N TRP B 174 -3.45 -19.18 -12.67
CA TRP B 174 -2.94 -18.12 -13.53
C TRP B 174 -3.79 -18.03 -14.80
N SER B 175 -4.02 -16.80 -15.28
CA SER B 175 -4.75 -16.57 -16.52
C SER B 175 -4.02 -15.55 -17.37
N LEU B 176 -3.95 -15.80 -18.68
CA LEU B 176 -3.31 -14.82 -19.56
C LEU B 176 -4.16 -13.56 -19.63
N VAL B 177 -3.50 -12.41 -19.76
CA VAL B 177 -4.22 -11.18 -20.07
C VAL B 177 -3.60 -10.59 -21.33
N ALA B 178 -3.93 -9.34 -21.65
CA ALA B 178 -3.44 -8.75 -22.88
C ALA B 178 -1.91 -8.70 -22.87
N PRO B 179 -1.25 -9.00 -23.99
CA PRO B 179 0.21 -8.98 -24.02
C PRO B 179 0.78 -7.58 -24.22
N LEU B 180 2.04 -7.41 -23.85
CA LEU B 180 2.78 -6.18 -24.13
C LEU B 180 2.87 -5.92 -25.62
N SER B 181 3.09 -4.66 -25.98
CA SER B 181 3.36 -4.32 -27.37
C SER B 181 4.72 -4.83 -27.81
N THR B 182 5.63 -5.12 -26.89
CA THR B 182 6.95 -5.59 -27.25
C THR B 182 7.42 -6.61 -26.23
N ARG B 183 8.27 -7.52 -26.69
CA ARG B 183 8.91 -8.46 -25.77
C ARG B 183 9.76 -7.69 -24.77
N ARG B 184 9.71 -8.11 -23.50
CA ARG B 184 10.49 -7.47 -22.45
C ARG B 184 10.90 -8.50 -21.42
N SER B 185 12.21 -8.68 -21.23
CA SER B 185 12.74 -9.32 -20.04
C SER B 185 13.66 -8.33 -19.34
N GLY B 186 13.98 -8.61 -18.09
CA GLY B 186 14.69 -7.62 -17.29
C GLY B 186 13.91 -6.32 -17.19
N VAL B 187 12.58 -6.42 -17.12
CA VAL B 187 11.68 -5.28 -17.17
C VAL B 187 11.29 -4.90 -15.75
N GLY B 188 11.21 -3.59 -15.48
CA GLY B 188 10.76 -3.12 -14.18
C GLY B 188 9.25 -2.91 -14.24
N VAL B 189 8.55 -3.34 -13.19
CA VAL B 189 7.09 -3.28 -13.17
C VAL B 189 6.64 -2.67 -11.86
N ALA B 190 5.67 -1.75 -11.92
CA ALA B 190 5.08 -1.22 -10.70
C ALA B 190 3.67 -0.73 -10.96
N VAL B 191 2.94 -0.52 -9.87
CA VAL B 191 1.53 -0.20 -9.93
C VAL B 191 1.32 1.22 -9.42
N LEU B 192 0.58 2.02 -10.18
CA LEU B 192 0.29 3.40 -9.79
C LEU B 192 -1.07 3.80 -10.34
N ASN B 193 -1.96 4.25 -9.45
CA ASN B 193 -3.28 4.81 -9.83
C ASN B 193 -4.12 3.79 -10.59
N GLY B 194 -4.08 2.52 -10.16
CA GLY B 194 -4.84 1.49 -10.83
C GLY B 194 -4.25 1.01 -12.14
N LEU B 195 -3.02 1.42 -12.50
CA LEU B 195 -2.39 0.98 -13.72
C LEU B 195 -1.09 0.26 -13.40
N ILE B 196 -0.72 -0.66 -14.28
CA ILE B 196 0.56 -1.34 -14.18
C ILE B 196 1.48 -0.76 -15.23
N TYR B 197 2.67 -0.35 -14.81
CA TYR B 197 3.67 0.18 -15.73
C TYR B 197 4.75 -0.86 -15.95
N ALA B 198 5.08 -1.09 -17.21
CA ALA B 198 6.20 -1.96 -17.59
C ALA B 198 7.28 -1.06 -18.15
N VAL B 199 8.43 -1.04 -17.47
CA VAL B 199 9.47 -0.02 -17.69
C VAL B 199 10.70 -0.72 -18.26
N GLY B 200 11.08 -0.32 -19.49
CA GLY B 200 12.35 -0.74 -20.03
C GLY B 200 12.40 -2.24 -20.30
N GLY B 201 13.58 -2.81 -20.14
CA GLY B 201 13.80 -4.21 -20.39
C GLY B 201 14.59 -4.47 -21.65
N TYR B 202 14.52 -5.72 -22.12
CA TYR B 202 15.31 -6.23 -23.23
C TYR B 202 14.40 -7.11 -24.09
N ASP B 203 14.43 -6.91 -25.39
CA ASP B 203 13.51 -7.62 -26.27
C ASP B 203 14.17 -8.79 -27.01
N GLY B 204 15.41 -9.11 -26.67
CA GLY B 204 16.18 -10.10 -27.38
C GLY B 204 17.25 -9.54 -28.30
N ASN B 205 17.12 -8.30 -28.69
CA ASN B 205 18.09 -7.60 -29.53
C ASN B 205 18.47 -6.24 -28.98
N THR B 206 17.51 -5.50 -28.44
CA THR B 206 17.68 -4.10 -28.11
C THR B 206 17.33 -3.89 -26.65
N HIS B 207 18.15 -3.09 -25.97
CA HIS B 207 17.80 -2.64 -24.64
C HIS B 207 16.85 -1.45 -24.75
N LEU B 208 15.74 -1.51 -24.03
CA LEU B 208 14.59 -0.66 -24.29
C LEU B 208 14.56 0.57 -23.40
N ASN B 209 14.21 1.71 -24.00
CA ASN B 209 13.81 2.88 -23.23
C ASN B 209 12.29 3.04 -23.17
N SER B 210 11.54 2.21 -23.90
CA SER B 210 10.10 2.44 -23.96
C SER B 210 9.41 1.95 -22.69
N VAL B 211 8.22 2.49 -22.45
CA VAL B 211 7.41 2.23 -21.26
C VAL B 211 5.96 2.11 -21.70
N GLU B 212 5.25 1.10 -21.17
CA GLU B 212 3.83 0.98 -21.46
C GLU B 212 3.05 0.71 -20.20
N ALA B 213 1.77 1.10 -20.21
CA ALA B 213 0.90 0.99 -19.05
C ALA B 213 -0.31 0.13 -19.37
N TYR B 214 -0.71 -0.68 -18.38
CA TYR B 214 -1.81 -1.61 -18.52
C TYR B 214 -3.00 -1.10 -17.74
N ASP B 215 -4.15 -1.01 -18.41
CA ASP B 215 -5.41 -0.67 -17.77
C ASP B 215 -6.25 -1.94 -17.64
N PRO B 216 -6.43 -2.48 -16.43
CA PRO B 216 -7.22 -3.71 -16.29
C PRO B 216 -8.69 -3.53 -16.66
N GLU B 217 -9.20 -2.30 -16.62
CA GLU B 217 -10.58 -2.06 -17.00
C GLU B 217 -10.80 -2.34 -18.49
N ARG B 218 -9.87 -1.89 -19.32
CA ARG B 218 -9.98 -2.12 -20.76
C ARG B 218 -9.14 -3.31 -21.22
N ASN B 219 -8.39 -3.92 -20.31
CA ASN B 219 -7.47 -5.02 -20.60
C ASN B 219 -6.64 -4.69 -21.84
N GLU B 220 -5.82 -3.65 -21.73
CA GLU B 220 -5.02 -3.19 -22.87
C GLU B 220 -3.80 -2.41 -22.39
N TRP B 221 -2.71 -2.56 -23.14
CA TRP B 221 -1.47 -1.84 -22.87
C TRP B 221 -1.38 -0.63 -23.80
N SER B 222 -0.88 0.49 -23.27
CA SER B 222 -0.67 1.70 -24.05
C SER B 222 0.69 2.29 -23.76
N LEU B 223 1.37 2.76 -24.80
CA LEU B 223 2.68 3.37 -24.59
C LEU B 223 2.53 4.68 -23.85
N VAL B 224 3.49 4.97 -22.97
CA VAL B 224 3.58 6.29 -22.36
C VAL B 224 4.96 6.85 -22.69
N ALA B 225 5.33 7.96 -22.04
CA ALA B 225 6.59 8.61 -22.35
C ALA B 225 7.75 7.64 -22.09
N PRO B 226 8.74 7.58 -22.98
CA PRO B 226 9.88 6.68 -22.77
C PRO B 226 10.88 7.26 -21.78
N LEU B 227 11.67 6.36 -21.20
CA LEU B 227 12.81 6.78 -20.37
C LEU B 227 13.78 7.63 -21.18
N SER B 228 14.53 8.48 -20.46
CA SER B 228 15.62 9.21 -21.08
C SER B 228 16.76 8.30 -21.54
N THR B 229 16.86 7.10 -20.96
CA THR B 229 17.97 6.19 -21.13
C THR B 229 17.42 4.78 -21.27
N ARG B 230 17.97 3.98 -22.19
CA ARG B 230 17.61 2.57 -22.25
C ARG B 230 18.02 1.88 -20.96
N ARG B 231 17.15 1.02 -20.44
CA ARG B 231 17.40 0.40 -19.14
C ARG B 231 16.82 -1.01 -19.14
N SER B 232 17.69 -2.03 -19.21
CA SER B 232 17.29 -3.39 -18.92
C SER B 232 17.88 -3.79 -17.57
N GLY B 233 17.23 -4.76 -16.92
CA GLY B 233 17.65 -5.10 -15.57
C GLY B 233 17.46 -3.92 -14.61
N VAL B 234 16.41 -3.15 -14.84
CA VAL B 234 16.13 -1.92 -14.11
C VAL B 234 15.21 -2.22 -12.93
N GLY B 235 15.43 -1.56 -11.81
CA GLY B 235 14.53 -1.67 -10.66
C GLY B 235 13.54 -0.51 -10.68
N VAL B 236 12.29 -0.81 -10.33
CA VAL B 236 11.22 0.19 -10.39
C VAL B 236 10.43 0.14 -9.09
N ALA B 237 10.10 1.30 -8.55
CA ALA B 237 9.19 1.37 -7.41
C ALA B 237 8.44 2.70 -7.42
N VAL B 238 7.33 2.73 -6.68
CA VAL B 238 6.41 3.84 -6.68
C VAL B 238 6.51 4.53 -5.33
N LEU B 239 6.68 5.85 -5.35
CA LEU B 239 6.74 6.65 -4.12
C LEU B 239 6.14 8.02 -4.37
N ASN B 240 5.15 8.41 -3.55
CA ASN B 240 4.55 9.75 -3.59
C ASN B 240 4.01 10.08 -4.98
N GLY B 241 3.29 9.12 -5.58
CA GLY B 241 2.68 9.35 -6.87
C GLY B 241 3.62 9.35 -8.06
N LEU B 242 4.90 9.00 -7.86
CA LEU B 242 5.89 8.95 -8.92
C LEU B 242 6.43 7.52 -9.05
N ILE B 243 6.84 7.17 -10.27
CA ILE B 243 7.51 5.91 -10.54
C ILE B 243 9.01 6.17 -10.71
N TYR B 244 9.83 5.47 -9.94
CA TYR B 244 11.27 5.63 -10.03
C TYR B 244 11.84 4.46 -10.79
N ALA B 245 12.70 4.75 -11.77
CA ALA B 245 13.44 3.73 -12.49
C ALA B 245 14.90 3.83 -12.06
N VAL B 246 15.42 2.76 -11.47
CA VAL B 246 16.68 2.79 -10.75
C VAL B 246 17.67 1.93 -11.49
N GLY B 247 18.76 2.54 -11.97
CA GLY B 247 19.86 1.77 -12.51
C GLY B 247 19.48 1.05 -13.80
N GLY B 248 20.12 -0.10 -13.99
CA GLY B 248 19.92 -0.88 -15.19
C GLY B 248 21.15 -0.87 -16.08
N TYR B 249 20.95 -1.27 -17.33
CA TYR B 249 22.01 -1.45 -18.31
C TYR B 249 21.51 -0.86 -19.63
N ASP B 250 22.29 0.00 -20.26
CA ASP B 250 21.81 0.67 -21.47
C ASP B 250 22.33 0.03 -22.76
N GLY B 251 22.91 -1.17 -22.67
CA GLY B 251 23.51 -1.83 -23.81
C GLY B 251 25.00 -1.64 -23.93
N ASN B 252 25.57 -0.68 -23.22
CA ASN B 252 27.00 -0.40 -23.19
C ASN B 252 27.55 -0.35 -21.78
N THR B 253 26.85 0.30 -20.85
CA THR B 253 27.35 0.41 -19.48
C THR B 253 26.23 0.15 -18.49
N HIS B 254 26.62 -0.34 -17.33
CA HIS B 254 25.71 -0.40 -16.19
C HIS B 254 25.58 1.00 -15.61
N LEU B 255 24.37 1.32 -15.17
CA LEU B 255 23.99 2.70 -14.91
C LEU B 255 23.86 2.95 -13.41
N ASN B 256 24.33 4.12 -13.00
CA ASN B 256 24.00 4.62 -11.68
C ASN B 256 22.88 5.67 -11.72
N SER B 257 22.39 6.02 -12.92
CA SER B 257 21.41 7.10 -12.98
C SER B 257 20.03 6.60 -12.58
N VAL B 258 19.19 7.54 -12.14
CA VAL B 258 17.82 7.29 -11.69
C VAL B 258 16.93 8.36 -12.28
N GLU B 259 15.73 7.97 -12.74
CA GLU B 259 14.76 8.95 -13.22
C GLU B 259 13.38 8.61 -12.68
N ALA B 260 12.54 9.63 -12.60
CA ALA B 260 11.23 9.52 -11.98
C ALA B 260 10.16 10.00 -12.93
N TYR B 261 9.05 9.26 -12.97
CA TYR B 261 7.96 9.50 -13.91
C TYR B 261 6.78 10.11 -13.18
N ASP B 262 6.31 11.25 -13.68
CA ASP B 262 5.12 11.92 -13.17
C ASP B 262 3.98 11.64 -14.13
N PRO B 263 2.99 10.83 -13.75
CA PRO B 263 1.90 10.52 -14.69
C PRO B 263 1.06 11.73 -15.06
N HIS B 264 0.99 12.74 -14.18
CA HIS B 264 0.20 13.94 -14.50
C HIS B 264 0.83 14.72 -15.65
N HIS B 265 2.16 14.75 -15.71
CA HIS B 265 2.86 15.43 -16.80
C HIS B 265 3.28 14.48 -17.91
N ASN B 266 3.19 13.17 -17.69
CA ASN B 266 3.65 12.15 -18.63
C ASN B 266 5.09 12.45 -19.06
N GLU B 267 5.97 12.51 -18.06
CA GLU B 267 7.33 12.98 -18.26
C GLU B 267 8.26 12.30 -17.27
N TRP B 268 9.45 11.91 -17.72
CA TRP B 268 10.51 11.45 -16.85
C TRP B 268 11.50 12.58 -16.58
N SER B 269 12.08 12.60 -15.37
CA SER B 269 13.18 13.51 -15.12
C SER B 269 14.20 12.87 -14.18
N LEU B 270 15.47 13.19 -14.41
CA LEU B 270 16.53 12.58 -13.60
C LEU B 270 16.46 13.08 -12.16
N VAL B 271 16.70 12.17 -11.22
CA VAL B 271 16.92 12.55 -9.83
C VAL B 271 18.35 12.17 -9.48
N ALA B 272 18.72 12.23 -8.20
CA ALA B 272 20.10 12.01 -7.83
C ALA B 272 20.52 10.58 -8.20
N PRO B 273 21.76 10.38 -8.64
CA PRO B 273 22.19 9.03 -9.04
C PRO B 273 22.65 8.20 -7.85
N LEU B 274 22.60 6.88 -8.04
CA LEU B 274 23.16 5.95 -7.06
C LEU B 274 24.66 6.18 -6.86
N SER B 275 25.14 5.76 -5.69
CA SER B 275 26.59 5.80 -5.46
C SER B 275 27.34 4.77 -6.30
N THR B 276 26.66 3.71 -6.71
CA THR B 276 27.25 2.61 -7.47
C THR B 276 26.35 2.30 -8.65
N ARG B 277 26.94 2.03 -9.81
CA ARG B 277 26.21 1.43 -10.91
C ARG B 277 25.56 0.12 -10.47
N ARG B 278 24.32 -0.10 -10.90
CA ARG B 278 23.55 -1.29 -10.51
C ARG B 278 22.58 -1.68 -11.61
N SER B 279 22.83 -2.80 -12.27
CA SER B 279 21.81 -3.49 -13.05
C SER B 279 21.44 -4.79 -12.35
N GLY B 280 20.29 -5.35 -12.70
CA GLY B 280 19.77 -6.49 -11.97
C GLY B 280 19.54 -6.17 -10.51
N VAL B 281 19.15 -4.94 -10.21
CA VAL B 281 19.02 -4.41 -8.86
C VAL B 281 17.58 -4.62 -8.40
N GLY B 282 17.39 -5.00 -7.14
CA GLY B 282 16.05 -5.05 -6.56
C GLY B 282 15.75 -3.73 -5.86
N VAL B 283 14.51 -3.26 -6.02
CA VAL B 283 14.09 -1.97 -5.48
C VAL B 283 12.77 -2.13 -4.74
N ALA B 284 12.66 -1.52 -3.55
CA ALA B 284 11.39 -1.50 -2.84
C ALA B 284 11.31 -0.24 -1.99
N VAL B 285 10.08 0.08 -1.57
CA VAL B 285 9.84 1.33 -0.85
C VAL B 285 9.43 0.96 0.57
N LEU B 286 10.01 1.65 1.53
CA LEU B 286 9.65 1.42 2.94
C LEU B 286 9.75 2.70 3.77
#